data_7O06
#
_entry.id   7O06
#
_cell.length_a   50.852
_cell.length_b   70.734
_cell.length_c   61.969
_cell.angle_alpha   90.000
_cell.angle_beta   90.090
_cell.angle_gamma   90.000
#
_symmetry.space_group_name_H-M   'P 1 21 1'
#
loop_
_entity.id
_entity.type
_entity.pdbx_description
1 polymer 'Camelid nanobody 10Z'
2 polymer 'Centrosomal protein of 164 kDa'
3 non-polymer 'SULFATE ION'
4 water water
#
loop_
_entity_poly.entity_id
_entity_poly.type
_entity_poly.pdbx_seq_one_letter_code
_entity_poly.pdbx_strand_id
1 'polypeptide(L)'
;GPLGSMGQVQLQESGGGLVQPGGSLRLSCSASGSSFSINTMGWYRQALGKQRELVANINSGGSTNYIDSVKGRFTISRDN
AKNMVYLQMNSLKPEDTAVYFCNAARPLRPEGGRWLNYWGQGTQVTVSSAA
;
A,B
2 'polypeptide(L)'
;GPLGSMAGRPLRIGDQLVLEEDYDETYIPSEQEILEFAREIGIDPIKEPELMWLAREGIVAPLPGEWKPCQDITGDIYYF
NFANGQSMWDHPCDEHYRSLVIQERAKLSTSGAI
;
C,D
#
loop_
_chem_comp.id
_chem_comp.type
_chem_comp.name
_chem_comp.formula
SO4 non-polymer 'SULFATE ION' 'O4 S -2'
#
# COMPACT_ATOMS: atom_id res chain seq x y z
N GLN A 8 -8.34 -11.83 23.20
CA GLN A 8 -8.34 -10.38 23.37
C GLN A 8 -7.36 -9.72 22.39
N VAL A 9 -7.89 -8.92 21.47
CA VAL A 9 -7.06 -8.17 20.54
C VAL A 9 -6.50 -6.95 21.26
N GLN A 10 -5.17 -6.79 21.20
CA GLN A 10 -4.49 -5.69 21.87
C GLN A 10 -3.43 -5.13 20.93
N LEU A 11 -3.35 -3.81 20.85
CA LEU A 11 -2.50 -3.15 19.87
C LEU A 11 -1.46 -2.27 20.57
N GLN A 12 -0.24 -2.27 20.04
CA GLN A 12 0.83 -1.43 20.58
C GLN A 12 1.56 -0.75 19.42
N GLU A 13 1.41 0.57 19.32
CA GLU A 13 2.04 1.37 18.27
C GLU A 13 3.47 1.74 18.67
N SER A 14 4.31 1.94 17.65
CA SER A 14 5.65 2.46 17.89
C SER A 14 6.11 3.20 16.64
N GLY A 15 7.25 3.88 16.77
CA GLY A 15 7.90 4.56 15.67
C GLY A 15 7.59 6.03 15.52
N GLY A 16 6.80 6.62 16.41
CA GLY A 16 6.49 8.03 16.29
C GLY A 16 7.64 8.92 16.73
N GLY A 17 7.36 10.22 16.77
CA GLY A 17 8.33 11.15 17.29
C GLY A 17 8.42 12.41 16.44
N LEU A 18 9.54 13.11 16.58
CA LEU A 18 9.79 14.33 15.81
C LEU A 18 10.32 14.00 14.42
N VAL A 19 9.86 14.73 13.42
CA VAL A 19 10.31 14.51 12.04
C VAL A 19 10.29 15.85 11.32
N GLN A 20 11.31 16.10 10.51
CA GLN A 20 11.39 17.33 9.74
C GLN A 20 10.28 17.37 8.70
N PRO A 21 9.71 18.56 8.42
CA PRO A 21 8.81 18.69 7.28
C PRO A 21 9.48 18.23 5.99
N GLY A 22 8.72 17.52 5.17
CA GLY A 22 9.27 16.92 3.96
C GLY A 22 9.88 15.56 4.17
N GLY A 23 10.06 15.12 5.42
CA GLY A 23 10.71 13.87 5.71
C GLY A 23 9.77 12.69 5.61
N SER A 24 10.31 11.53 6.00
CA SER A 24 9.59 10.27 5.95
C SER A 24 9.63 9.60 7.32
N LEU A 25 8.66 8.74 7.57
CA LEU A 25 8.56 8.06 8.86
C LEU A 25 7.70 6.81 8.66
N ARG A 26 8.07 5.71 9.32
CA ARG A 26 7.27 4.50 9.30
CA ARG A 26 7.26 4.50 9.29
C ARG A 26 6.79 4.18 10.71
N LEU A 27 5.47 4.14 10.89
CA LEU A 27 4.87 3.68 12.14
C LEU A 27 4.57 2.18 12.05
N SER A 28 4.70 1.51 13.19
CA SER A 28 4.42 0.08 13.31
C SER A 28 3.40 -0.15 14.41
N CYS A 29 2.65 -1.25 14.28
CA CYS A 29 1.80 -1.67 15.38
C CYS A 29 1.79 -3.18 15.48
N SER A 30 2.07 -3.68 16.68
CA SER A 30 1.98 -5.09 16.98
CA SER A 30 1.98 -5.09 16.98
C SER A 30 0.58 -5.40 17.50
N ALA A 31 0.00 -6.47 16.98
CA ALA A 31 -1.35 -6.88 17.35
C ALA A 31 -1.30 -8.27 17.96
N SER A 32 -2.01 -8.45 19.07
CA SER A 32 -2.16 -9.77 19.67
CA SER A 32 -2.17 -9.76 19.68
C SER A 32 -3.53 -10.34 19.34
N GLY A 33 -3.63 -11.66 19.44
CA GLY A 33 -4.87 -12.35 19.17
C GLY A 33 -4.82 -13.19 17.91
N SER A 34 -5.77 -14.12 17.80
CA SER A 34 -5.81 -15.07 16.70
C SER A 34 -6.54 -14.56 15.46
N SER A 35 -7.35 -13.52 15.59
CA SER A 35 -8.20 -13.10 14.47
C SER A 35 -7.50 -12.14 13.52
N PHE A 36 -6.16 -12.03 13.59
CA PHE A 36 -5.50 -10.91 12.91
C PHE A 36 -5.83 -10.89 11.42
N SER A 37 -5.69 -12.02 10.73
N SER A 37 -5.69 -12.02 10.73
CA SER A 37 -5.79 -11.98 9.28
CA SER A 37 -5.79 -12.00 9.29
C SER A 37 -7.18 -11.64 8.78
C SER A 37 -7.17 -11.55 8.82
N ILE A 38 -8.22 -11.81 9.60
CA ILE A 38 -9.57 -11.44 9.18
C ILE A 38 -9.95 -10.01 9.58
N ASN A 39 -9.15 -9.35 10.40
CA ASN A 39 -9.50 -8.04 10.87
C ASN A 39 -9.20 -6.98 9.82
N THR A 40 -10.00 -5.91 9.84
CA THR A 40 -9.70 -4.70 9.08
C THR A 40 -8.82 -3.82 9.97
N MET A 41 -7.57 -3.65 9.56
CA MET A 41 -6.57 -2.90 10.32
C MET A 41 -6.49 -1.48 9.79
N GLY A 42 -6.24 -0.52 10.67
CA GLY A 42 -6.26 0.85 10.22
C GLY A 42 -5.42 1.76 11.09
N TRP A 43 -5.14 2.93 10.53
CA TRP A 43 -4.44 3.99 11.23
C TRP A 43 -5.37 5.20 11.24
N TYR A 44 -5.52 5.79 12.42
CA TYR A 44 -6.32 6.98 12.65
C TYR A 44 -5.43 8.02 13.32
N ARG A 45 -5.81 9.29 13.23
CA ARG A 45 -5.02 10.31 13.88
C ARG A 45 -5.93 11.36 14.50
N GLN A 46 -5.47 11.92 15.61
CA GLN A 46 -6.23 12.93 16.35
CA GLN A 46 -6.23 12.93 16.35
C GLN A 46 -5.32 14.12 16.61
N ALA A 47 -5.57 15.20 15.90
CA ALA A 47 -4.84 16.43 16.18
C ALA A 47 -5.31 16.99 17.51
N LEU A 48 -4.43 17.74 18.18
CA LEU A 48 -4.78 18.29 19.49
C LEU A 48 -6.01 19.18 19.39
N GLY A 49 -7.02 18.86 20.17
CA GLY A 49 -8.27 19.59 20.18
C GLY A 49 -9.30 19.17 19.16
N LYS A 50 -9.00 18.14 18.35
CA LYS A 50 -9.84 17.74 17.23
C LYS A 50 -10.34 16.31 17.40
N GLN A 51 -11.16 15.89 16.43
CA GLN A 51 -11.67 14.54 16.39
C GLN A 51 -10.65 13.57 15.79
N ARG A 52 -10.84 12.29 16.14
CA ARG A 52 -10.09 11.22 15.48
C ARG A 52 -10.55 11.10 14.03
N GLU A 53 -9.62 10.84 13.11
CA GLU A 53 -9.94 10.81 11.70
CA GLU A 53 -9.95 10.79 11.71
C GLU A 53 -9.15 9.69 11.04
N LEU A 54 -9.82 8.96 10.13
CA LEU A 54 -9.15 7.94 9.34
C LEU A 54 -7.92 8.50 8.66
N VAL A 55 -6.83 7.72 8.67
CA VAL A 55 -5.68 7.98 7.82
C VAL A 55 -5.73 6.96 6.69
N ALA A 56 -5.72 5.67 7.05
CA ALA A 56 -5.77 4.60 6.05
C ALA A 56 -6.27 3.31 6.72
N ASN A 57 -6.90 2.44 5.92
CA ASN A 57 -7.22 1.11 6.47
C ASN A 57 -7.07 0.06 5.37
N ILE A 58 -7.10 -1.20 5.79
CA ILE A 58 -6.88 -2.34 4.91
C ILE A 58 -7.69 -3.52 5.44
N ASN A 59 -8.58 -4.07 4.62
CA ASN A 59 -9.39 -5.17 5.11
C ASN A 59 -8.65 -6.48 4.90
N SER A 60 -9.31 -7.59 5.28
CA SER A 60 -8.67 -8.90 5.18
CA SER A 60 -8.66 -8.90 5.19
C SER A 60 -8.21 -9.19 3.77
N GLY A 61 -9.04 -8.85 2.79
CA GLY A 61 -8.70 -9.05 1.39
C GLY A 61 -7.74 -8.06 0.79
N GLY A 62 -7.23 -7.11 1.57
CA GLY A 62 -6.23 -6.16 1.11
C GLY A 62 -6.76 -4.90 0.46
N SER A 63 -8.08 -4.69 0.46
N SER A 63 -8.08 -4.69 0.45
CA SER A 63 -8.62 -3.45 -0.08
CA SER A 63 -8.62 -3.45 -0.08
C SER A 63 -8.32 -2.31 0.88
C SER A 63 -8.31 -2.32 0.89
N THR A 64 -7.80 -1.21 0.34
CA THR A 64 -7.39 -0.06 1.15
C THR A 64 -8.25 1.16 0.89
N ASN A 65 -8.37 2.00 1.93
CA ASN A 65 -8.96 3.30 1.79
C ASN A 65 -8.02 4.31 2.44
N TYR A 66 -7.91 5.50 1.84
CA TYR A 66 -7.07 6.55 2.38
C TYR A 66 -7.88 7.82 2.51
N ILE A 67 -7.60 8.61 3.55
CA ILE A 67 -8.17 9.96 3.61
C ILE A 67 -7.53 10.82 2.53
N ASP A 68 -8.31 11.71 1.94
CA ASP A 68 -7.84 12.42 0.75
C ASP A 68 -6.54 13.18 1.00
N SER A 69 -6.36 13.70 2.21
CA SER A 69 -5.21 14.55 2.51
C SER A 69 -3.90 13.77 2.58
N VAL A 70 -3.94 12.44 2.64
CA VAL A 70 -2.71 11.65 2.67
C VAL A 70 -2.56 10.76 1.47
N LYS A 71 -3.57 10.69 0.60
CA LYS A 71 -3.51 9.80 -0.56
C LYS A 71 -2.28 10.08 -1.41
N GLY A 72 -1.50 9.02 -1.69
CA GLY A 72 -0.30 9.13 -2.49
C GLY A 72 0.95 9.59 -1.74
N ARG A 73 0.83 9.98 -0.47
CA ARG A 73 1.98 10.21 0.40
C ARG A 73 2.21 9.11 1.40
N PHE A 74 1.13 8.44 1.82
CA PHE A 74 1.15 7.45 2.87
C PHE A 74 0.75 6.09 2.29
N THR A 75 1.26 5.02 2.90
CA THR A 75 0.89 3.66 2.50
C THR A 75 0.68 2.82 3.74
N ILE A 76 -0.45 2.09 3.79
CA ILE A 76 -0.70 1.12 4.84
C ILE A 76 -0.37 -0.28 4.31
N SER A 77 0.26 -1.08 5.14
CA SER A 77 0.53 -2.49 4.80
C SER A 77 0.36 -3.33 6.04
N ARG A 78 0.21 -4.65 5.83
CA ARG A 78 0.09 -5.59 6.92
C ARG A 78 1.00 -6.77 6.67
N ASP A 79 1.55 -7.33 7.74
CA ASP A 79 2.24 -8.62 7.67
C ASP A 79 1.43 -9.60 8.50
N ASN A 80 0.73 -10.52 7.82
CA ASN A 80 -0.17 -11.41 8.53
C ASN A 80 0.59 -12.47 9.32
N ALA A 81 1.75 -12.91 8.84
CA ALA A 81 2.50 -13.92 9.59
C ALA A 81 3.03 -13.36 10.90
N LYS A 82 3.32 -12.06 10.96
CA LYS A 82 3.88 -11.43 12.15
C LYS A 82 2.85 -10.65 12.96
N ASN A 83 1.60 -10.59 12.52
CA ASN A 83 0.57 -9.80 13.20
C ASN A 83 1.00 -8.35 13.36
N MET A 84 1.42 -7.75 12.26
CA MET A 84 1.91 -6.37 12.25
C MET A 84 1.17 -5.54 11.20
N VAL A 85 0.94 -4.27 11.54
N VAL A 85 0.98 -4.26 11.50
CA VAL A 85 0.45 -3.27 10.61
CA VAL A 85 0.45 -3.32 10.52
C VAL A 85 1.49 -2.16 10.53
C VAL A 85 1.31 -2.06 10.54
N TYR A 86 1.59 -1.53 9.36
CA TYR A 86 2.54 -0.44 9.18
C TYR A 86 1.91 0.73 8.44
N LEU A 87 2.42 1.93 8.74
CA LEU A 87 2.07 3.14 8.00
C LEU A 87 3.35 3.79 7.53
N GLN A 88 3.60 3.75 6.22
CA GLN A 88 4.72 4.46 5.62
C GLN A 88 4.26 5.88 5.31
N MET A 89 4.98 6.87 5.81
CA MET A 89 4.64 8.27 5.57
C MET A 89 5.77 8.94 4.83
N ASN A 90 5.40 9.76 3.84
CA ASN A 90 6.32 10.52 3.01
C ASN A 90 5.81 11.96 2.90
N SER A 91 6.73 12.87 2.55
CA SER A 91 6.40 14.28 2.32
C SER A 91 5.59 14.87 3.47
N LEU A 92 6.08 14.65 4.69
CA LEU A 92 5.33 15.03 5.88
C LEU A 92 5.18 16.55 5.96
N LYS A 93 4.02 16.97 6.45
CA LYS A 93 3.64 18.38 6.53
C LYS A 93 3.24 18.73 7.96
N PRO A 94 3.29 20.01 8.34
CA PRO A 94 2.89 20.38 9.71
C PRO A 94 1.51 19.88 10.10
N GLU A 95 0.54 19.90 9.19
CA GLU A 95 -0.81 19.43 9.47
C GLU A 95 -0.90 17.91 9.69
N ASP A 96 0.20 17.16 9.50
CA ASP A 96 0.23 15.76 9.87
C ASP A 96 0.54 15.56 11.34
N THR A 97 0.80 16.63 12.09
CA THR A 97 1.07 16.51 13.52
C THR A 97 -0.19 16.07 14.25
N ALA A 98 -0.10 14.97 15.00
CA ALA A 98 -1.24 14.36 15.67
C ALA A 98 -0.75 13.16 16.45
N VAL A 99 -1.62 12.65 17.34
CA VAL A 99 -1.45 11.32 17.90
C VAL A 99 -2.03 10.32 16.91
N TYR A 100 -1.25 9.30 16.57
CA TYR A 100 -1.66 8.29 15.59
C TYR A 100 -2.03 7.01 16.32
N PHE A 101 -3.22 6.49 16.04
CA PHE A 101 -3.73 5.29 16.69
C PHE A 101 -3.88 4.17 15.69
N CYS A 102 -3.49 2.97 16.08
CA CYS A 102 -3.84 1.80 15.29
C CYS A 102 -5.21 1.27 15.72
N ASN A 103 -5.99 0.81 14.75
CA ASN A 103 -7.34 0.29 14.94
C ASN A 103 -7.46 -1.12 14.40
N ALA A 104 -8.21 -1.97 15.10
CA ALA A 104 -8.58 -3.29 14.60
C ALA A 104 -10.09 -3.44 14.67
N ALA A 105 -10.73 -3.58 13.52
CA ALA A 105 -12.14 -3.87 13.44
C ALA A 105 -12.30 -5.37 13.17
N ARG A 106 -12.92 -6.08 14.11
CA ARG A 106 -12.90 -7.54 14.17
C ARG A 106 -14.28 -8.10 13.85
N PRO A 107 -14.44 -8.84 12.76
CA PRO A 107 -15.74 -9.43 12.44
C PRO A 107 -16.02 -10.73 13.18
N LEU A 108 -17.28 -10.92 13.55
CA LEU A 108 -17.73 -12.18 14.10
CA LEU A 108 -17.73 -12.18 14.10
C LEU A 108 -18.42 -13.07 13.08
N ARG A 109 -18.71 -12.55 11.88
CA ARG A 109 -19.25 -13.30 10.76
C ARG A 109 -18.65 -12.75 9.48
N PRO A 110 -18.44 -13.60 8.48
CA PRO A 110 -17.93 -13.08 7.20
C PRO A 110 -18.89 -12.15 6.50
N GLU A 111 -20.19 -12.27 6.78
CA GLU A 111 -21.21 -11.39 6.22
C GLU A 111 -22.28 -11.13 7.26
N GLY A 112 -22.73 -9.88 7.34
CA GLY A 112 -23.90 -9.55 8.14
C GLY A 112 -23.76 -9.82 9.63
N GLY A 113 -22.59 -9.52 10.19
CA GLY A 113 -22.31 -9.84 11.58
C GLY A 113 -21.96 -8.63 12.43
N ARG A 114 -21.88 -8.90 13.73
CA ARG A 114 -21.32 -7.94 14.67
C ARG A 114 -19.82 -7.75 14.39
N TRP A 115 -19.34 -6.50 14.50
CA TRP A 115 -17.92 -6.23 14.45
C TRP A 115 -17.54 -5.50 15.73
N LEU A 116 -16.39 -5.87 16.30
CA LEU A 116 -15.87 -5.24 17.50
C LEU A 116 -14.67 -4.36 17.14
N ASN A 117 -14.48 -3.31 17.93
CA ASN A 117 -13.58 -2.21 17.60
C ASN A 117 -12.51 -2.08 18.68
N TYR A 118 -11.25 -2.26 18.31
CA TYR A 118 -10.14 -2.21 19.27
C TYR A 118 -9.14 -1.13 18.86
N TRP A 119 -8.51 -0.53 19.88
CA TRP A 119 -7.62 0.60 19.69
C TRP A 119 -6.32 0.43 20.46
N GLY A 120 -5.23 0.90 19.88
CA GLY A 120 -4.00 1.07 20.62
C GLY A 120 -4.02 2.36 21.42
N GLN A 121 -2.94 2.59 22.17
CA GLN A 121 -2.88 3.79 23.00
C GLN A 121 -2.39 5.02 22.24
N GLY A 122 -1.82 4.85 21.05
CA GLY A 122 -1.40 5.97 20.23
C GLY A 122 0.08 6.30 20.37
N THR A 123 0.63 6.92 19.32
CA THR A 123 2.00 7.39 19.33
C THR A 123 2.04 8.79 18.70
N GLN A 124 2.76 9.71 19.35
CA GLN A 124 2.78 11.09 18.86
C GLN A 124 3.70 11.22 17.65
N VAL A 125 3.22 11.91 16.62
CA VAL A 125 4.04 12.35 15.50
C VAL A 125 4.00 13.89 15.47
N THR A 126 5.15 14.54 15.54
CA THR A 126 5.23 15.99 15.47
C THR A 126 6.12 16.37 14.28
N VAL A 127 5.53 17.04 13.30
CA VAL A 127 6.24 17.44 12.09
C VAL A 127 6.69 18.87 12.31
N SER A 128 7.98 19.06 12.51
CA SER A 128 8.50 20.34 12.99
C SER A 128 9.94 20.54 12.53
N SER A 129 10.29 21.79 12.22
CA SER A 129 11.65 22.10 11.81
C SER A 129 12.63 22.10 12.98
N ALA A 130 12.18 21.83 14.20
CA ALA A 130 13.09 21.60 15.32
C ALA A 130 13.54 20.14 15.43
N ALA A 131 13.06 19.26 14.56
CA ALA A 131 13.33 17.83 14.67
C ALA A 131 14.81 17.50 14.48
N GLN B 8 25.54 6.90 -11.63
CA GLN B 8 24.81 5.79 -12.22
C GLN B 8 23.66 5.32 -11.34
N VAL B 9 22.51 5.08 -11.97
CA VAL B 9 21.36 4.53 -11.27
C VAL B 9 21.68 3.09 -10.88
N GLN B 10 21.66 2.81 -9.57
CA GLN B 10 21.96 1.47 -9.05
C GLN B 10 20.81 1.04 -8.17
N LEU B 11 20.16 -0.06 -8.55
CA LEU B 11 19.10 -0.63 -7.74
C LEU B 11 19.60 -1.95 -7.17
N GLN B 12 19.45 -2.15 -5.86
N GLN B 12 19.49 -2.12 -5.85
CA GLN B 12 19.97 -3.34 -5.18
CA GLN B 12 19.95 -3.33 -5.17
C GLN B 12 18.86 -3.93 -4.30
C GLN B 12 18.79 -3.89 -4.34
N GLU B 13 18.27 -5.03 -4.76
CA GLU B 13 17.19 -5.71 -4.04
C GLU B 13 17.72 -6.63 -2.96
N SER B 14 16.94 -6.79 -1.89
CA SER B 14 17.29 -7.73 -0.83
C SER B 14 16.00 -8.26 -0.21
N GLY B 15 16.15 -9.30 0.59
CA GLY B 15 15.05 -9.81 1.39
C GLY B 15 14.41 -11.09 0.88
N GLY B 16 14.85 -11.61 -0.25
CA GLY B 16 14.27 -12.85 -0.75
C GLY B 16 14.72 -14.06 0.04
N GLY B 17 14.06 -15.17 -0.24
CA GLY B 17 14.40 -16.41 0.43
C GLY B 17 13.31 -17.44 0.22
N LEU B 18 13.43 -18.52 0.97
CA LEU B 18 12.53 -19.65 0.92
C LEU B 18 11.45 -19.47 1.97
N VAL B 19 10.19 -19.41 1.55
CA VAL B 19 9.07 -19.09 2.44
C VAL B 19 7.98 -20.16 2.32
N GLN B 20 7.29 -20.41 3.42
CA GLN B 20 6.23 -21.41 3.43
C GLN B 20 4.99 -20.91 2.68
N PRO B 21 4.27 -21.80 1.99
CA PRO B 21 2.98 -21.41 1.42
C PRO B 21 2.07 -20.83 2.50
N GLY B 22 1.35 -19.76 2.15
CA GLY B 22 0.58 -19.03 3.12
C GLY B 22 1.37 -18.01 3.92
N GLY B 23 2.69 -17.97 3.76
CA GLY B 23 3.54 -17.12 4.56
C GLY B 23 3.61 -15.69 4.05
N SER B 24 4.39 -14.89 4.76
CA SER B 24 4.59 -13.48 4.45
C SER B 24 6.09 -13.20 4.28
N LEU B 25 6.39 -12.12 3.57
CA LEU B 25 7.78 -11.77 3.27
C LEU B 25 7.80 -10.32 2.79
N ARG B 26 8.86 -9.59 3.15
CA ARG B 26 9.04 -8.20 2.71
CA ARG B 26 9.03 -8.21 2.70
C ARG B 26 10.35 -8.09 1.94
N LEU B 27 10.27 -7.58 0.73
CA LEU B 27 11.44 -7.29 -0.10
C LEU B 27 11.76 -5.80 0.02
N SER B 28 13.04 -5.50 -0.10
CA SER B 28 13.53 -4.12 -0.06
C SER B 28 14.42 -3.85 -1.26
N CYS B 29 14.49 -2.58 -1.64
CA CYS B 29 15.44 -2.21 -2.70
C CYS B 29 15.98 -0.82 -2.41
N SER B 30 17.29 -0.73 -2.31
N SER B 30 17.30 -0.71 -2.44
CA SER B 30 17.95 0.57 -2.25
CA SER B 30 17.99 0.56 -2.22
C SER B 30 18.12 1.10 -3.66
C SER B 30 18.40 1.17 -3.55
N ALA B 31 17.95 2.42 -3.79
CA ALA B 31 18.13 3.10 -5.07
C ALA B 31 19.13 4.23 -4.89
N SER B 32 20.19 4.22 -5.70
CA SER B 32 21.18 5.28 -5.71
C SER B 32 20.95 6.15 -6.95
N GLY B 33 20.76 7.44 -6.73
CA GLY B 33 20.45 8.37 -7.79
C GLY B 33 19.87 9.65 -7.24
N SER B 34 19.88 10.68 -8.07
CA SER B 34 19.37 12.00 -7.69
C SER B 34 17.94 12.22 -8.15
N SER B 35 17.32 11.24 -8.79
CA SER B 35 15.99 11.40 -9.35
C SER B 35 14.97 10.47 -8.70
N PHE B 36 15.25 9.97 -7.49
CA PHE B 36 14.34 9.00 -6.88
C PHE B 36 12.93 9.54 -6.76
N SER B 37 12.77 10.79 -6.34
CA SER B 37 11.45 11.32 -6.00
CA SER B 37 11.45 11.27 -5.99
C SER B 37 10.53 11.39 -7.21
N ILE B 38 11.09 11.66 -8.40
CA ILE B 38 10.27 11.78 -9.62
C ILE B 38 10.08 10.46 -10.35
N ASN B 39 10.75 9.38 -9.93
CA ASN B 39 10.69 8.14 -10.68
C ASN B 39 9.43 7.37 -10.34
N THR B 40 8.97 6.58 -11.32
CA THR B 40 7.98 5.54 -11.06
C THR B 40 8.73 4.27 -10.67
N MET B 41 8.57 3.86 -9.41
CA MET B 41 9.28 2.72 -8.86
C MET B 41 8.38 1.49 -8.94
N GLY B 42 8.99 0.32 -9.19
CA GLY B 42 8.17 -0.87 -9.39
C GLY B 42 8.86 -2.15 -8.99
N TRP B 43 8.04 -3.17 -8.79
CA TRP B 43 8.50 -4.54 -8.62
C TRP B 43 7.95 -5.36 -9.77
N TYR B 44 8.83 -6.14 -10.39
CA TYR B 44 8.50 -7.07 -11.47
C TYR B 44 9.00 -8.45 -11.06
N ARG B 45 8.47 -9.49 -11.69
CA ARG B 45 8.97 -10.83 -11.37
C ARG B 45 9.06 -11.67 -12.64
N GLN B 46 10.01 -12.60 -12.62
CA GLN B 46 10.30 -13.47 -13.76
C GLN B 46 10.42 -14.90 -13.26
N ALA B 47 9.39 -15.70 -13.52
CA ALA B 47 9.46 -17.12 -13.21
C ALA B 47 10.44 -17.78 -14.16
N LEU B 48 11.05 -18.87 -13.69
CA LEU B 48 12.05 -19.59 -14.48
C LEU B 48 11.44 -20.05 -15.81
N GLY B 49 12.06 -19.64 -16.92
CA GLY B 49 11.58 -20.03 -18.22
C GLY B 49 10.53 -19.11 -18.82
N LYS B 50 10.13 -18.05 -18.12
CA LYS B 50 9.00 -17.22 -18.49
C LYS B 50 9.43 -15.75 -18.67
N GLN B 51 8.44 -14.92 -18.96
CA GLN B 51 8.68 -13.50 -19.18
C GLN B 51 8.57 -12.71 -17.88
N ARG B 52 9.23 -11.55 -17.85
CA ARG B 52 9.09 -10.62 -16.74
C ARG B 52 7.67 -10.07 -16.73
N GLU B 53 7.11 -9.85 -15.54
CA GLU B 53 5.75 -9.36 -15.42
CA GLU B 53 5.74 -9.38 -15.41
C GLU B 53 5.64 -8.40 -14.25
N LEU B 54 4.82 -7.37 -14.44
CA LEU B 54 4.56 -6.42 -13.36
C LEU B 54 4.01 -7.14 -12.13
N VAL B 55 4.53 -6.75 -10.96
CA VAL B 55 3.89 -7.06 -9.69
C VAL B 55 3.14 -5.85 -9.19
N ALA B 56 3.84 -4.73 -9.02
CA ALA B 56 3.24 -3.51 -8.51
C ALA B 56 4.12 -2.34 -8.87
N ASN B 57 3.51 -1.17 -9.06
CA ASN B 57 4.34 0.03 -9.21
C ASN B 57 3.70 1.21 -8.49
N ILE B 58 4.48 2.28 -8.40
CA ILE B 58 4.05 3.49 -7.67
C ILE B 58 4.73 4.68 -8.33
N ASN B 59 3.95 5.63 -8.87
CA ASN B 59 4.56 6.79 -9.52
C ASN B 59 4.92 7.84 -8.47
N SER B 60 5.51 8.94 -8.94
CA SER B 60 5.97 9.99 -8.03
CA SER B 60 5.97 9.97 -8.02
C SER B 60 4.83 10.48 -7.15
N GLY B 61 3.63 10.60 -7.72
CA GLY B 61 2.46 11.05 -7.00
C GLY B 61 1.81 10.02 -6.11
N GLY B 62 2.37 8.81 -6.01
CA GLY B 62 1.85 7.80 -5.12
C GLY B 62 0.74 6.93 -5.68
N SER B 63 0.40 7.10 -6.95
CA SER B 63 -0.61 6.25 -7.57
C SER B 63 -0.02 4.87 -7.84
N THR B 64 -0.74 3.82 -7.44
CA THR B 64 -0.23 2.46 -7.55
C THR B 64 -1.02 1.64 -8.55
N ASN B 65 -0.34 0.65 -9.13
CA ASN B 65 -0.98 -0.37 -9.96
C ASN B 65 -0.48 -1.74 -9.51
N TYR B 66 -1.37 -2.73 -9.53
CA TYR B 66 -1.06 -4.10 -9.15
C TYR B 66 -1.51 -5.05 -10.25
N ILE B 67 -0.71 -6.08 -10.54
CA ILE B 67 -1.18 -7.16 -11.39
C ILE B 67 -2.29 -7.90 -10.67
N ASP B 68 -3.28 -8.39 -11.44
CA ASP B 68 -4.49 -8.93 -10.83
C ASP B 68 -4.19 -10.06 -9.86
N SER B 69 -3.15 -10.86 -10.13
CA SER B 69 -2.89 -12.05 -9.34
C SER B 69 -2.33 -11.76 -7.95
N VAL B 70 -1.90 -10.53 -7.68
CA VAL B 70 -1.36 -10.15 -6.38
C VAL B 70 -2.19 -9.07 -5.70
N LYS B 71 -3.20 -8.53 -6.37
CA LYS B 71 -3.98 -7.45 -5.78
C LYS B 71 -4.57 -7.91 -4.45
N GLY B 72 -4.36 -7.09 -3.42
CA GLY B 72 -4.89 -7.39 -2.10
C GLY B 72 -4.10 -8.40 -1.29
N ARG B 73 -3.07 -9.01 -1.84
CA ARG B 73 -2.12 -9.79 -1.06
C ARG B 73 -0.78 -9.09 -0.87
N PHE B 74 -0.39 -8.24 -1.82
CA PHE B 74 0.88 -7.54 -1.86
C PHE B 74 0.64 -6.03 -1.75
N THR B 75 1.62 -5.30 -1.19
CA THR B 75 1.58 -3.84 -1.07
C THR B 75 2.95 -3.28 -1.44
N ILE B 76 2.98 -2.30 -2.33
CA ILE B 76 4.21 -1.58 -2.65
C ILE B 76 4.23 -0.27 -1.87
N SER B 77 5.40 0.09 -1.34
CA SER B 77 5.57 1.37 -0.68
C SER B 77 6.97 1.90 -0.97
N ARG B 78 7.17 3.19 -0.69
N ARG B 78 7.17 3.18 -0.68
CA ARG B 78 8.45 3.84 -0.91
CA ARG B 78 8.47 3.81 -0.87
C ARG B 78 8.76 4.72 0.30
C ARG B 78 8.77 4.70 0.32
N ASP B 79 10.05 4.88 0.59
CA ASP B 79 10.52 5.83 1.61
C ASP B 79 11.39 6.82 0.84
N ASN B 80 10.84 8.01 0.58
CA ASN B 80 11.54 8.97 -0.27
C ASN B 80 12.78 9.54 0.40
N ALA B 81 12.78 9.62 1.74
CA ALA B 81 13.91 10.18 2.45
C ALA B 81 15.12 9.25 2.41
N LYS B 82 14.88 7.93 2.38
CA LYS B 82 15.92 6.91 2.39
C LYS B 82 16.17 6.32 1.01
N ASN B 83 15.41 6.73 0.00
CA ASN B 83 15.55 6.21 -1.37
C ASN B 83 15.35 4.70 -1.38
N MET B 84 14.29 4.23 -0.71
CA MET B 84 14.01 2.81 -0.60
C MET B 84 12.63 2.49 -1.18
N VAL B 85 12.51 1.29 -1.77
CA VAL B 85 11.23 0.74 -2.23
CA VAL B 85 11.20 0.79 -2.14
C VAL B 85 11.01 -0.60 -1.55
N TYR B 86 9.77 -0.91 -1.22
CA TYR B 86 9.44 -2.12 -0.47
C TYR B 86 8.29 -2.85 -1.13
N LEU B 87 8.30 -4.18 -0.99
CA LEU B 87 7.16 -5.01 -1.41
C LEU B 87 6.80 -5.88 -0.22
N GLN B 88 5.64 -5.62 0.38
CA GLN B 88 5.10 -6.50 1.40
C GLN B 88 4.28 -7.58 0.73
N MET B 89 4.55 -8.84 1.07
CA MET B 89 3.85 -9.98 0.47
C MET B 89 3.16 -10.78 1.56
N ASN B 90 1.91 -11.18 1.30
CA ASN B 90 1.15 -12.05 2.20
C ASN B 90 0.53 -13.18 1.40
N SER B 91 0.14 -14.23 2.12
CA SER B 91 -0.59 -15.35 1.53
C SER B 91 0.14 -15.90 0.31
N LEU B 92 1.43 -16.18 0.48
CA LEU B 92 2.25 -16.59 -0.65
C LEU B 92 1.85 -17.99 -1.13
N LYS B 93 2.02 -18.19 -2.42
CA LYS B 93 1.59 -19.38 -3.14
C LYS B 93 2.76 -19.91 -3.96
N PRO B 94 2.76 -21.20 -4.28
CA PRO B 94 3.84 -21.72 -5.13
C PRO B 94 4.05 -20.93 -6.42
N GLU B 95 2.98 -20.47 -7.06
CA GLU B 95 3.14 -19.76 -8.32
C GLU B 95 3.74 -18.36 -8.15
N ASP B 96 3.96 -17.91 -6.93
CA ASP B 96 4.70 -16.68 -6.69
C ASP B 96 6.22 -16.87 -6.79
N THR B 97 6.69 -18.10 -7.00
CA THR B 97 8.12 -18.40 -7.03
C THR B 97 8.73 -17.77 -8.28
N ALA B 98 9.76 -16.93 -8.10
CA ALA B 98 10.30 -16.15 -9.22
C ALA B 98 11.47 -15.33 -8.71
N VAL B 99 12.24 -14.78 -9.66
CA VAL B 99 13.17 -13.69 -9.35
C VAL B 99 12.38 -12.39 -9.36
N TYR B 100 12.53 -11.61 -8.29
CA TYR B 100 11.80 -10.35 -8.16
C TYR B 100 12.78 -9.20 -8.43
N PHE B 101 12.43 -8.35 -9.39
CA PHE B 101 13.28 -7.24 -9.83
C PHE B 101 12.64 -5.92 -9.43
N CYS B 102 13.46 -4.98 -8.96
CA CYS B 102 13.00 -3.62 -8.78
C CYS B 102 13.32 -2.81 -10.04
N ASN B 103 12.40 -1.90 -10.37
CA ASN B 103 12.43 -1.10 -11.59
C ASN B 103 12.35 0.38 -11.21
N ALA B 104 13.14 1.20 -11.89
CA ALA B 104 13.00 2.66 -11.82
C ALA B 104 12.75 3.19 -13.23
N ALA B 105 11.56 3.75 -13.45
CA ALA B 105 11.22 4.42 -14.70
C ALA B 105 11.41 5.91 -14.47
N ARG B 106 12.33 6.51 -15.22
CA ARG B 106 12.84 7.84 -14.93
C ARG B 106 12.38 8.84 -15.98
N PRO B 107 11.56 9.83 -15.63
CA PRO B 107 11.13 10.83 -16.61
C PRO B 107 12.16 11.93 -16.81
N LEU B 108 12.33 12.34 -18.06
CA LEU B 108 13.15 13.49 -18.41
C LEU B 108 12.35 14.79 -18.45
N ARG B 109 11.02 14.70 -18.49
CA ARG B 109 10.13 15.85 -18.42
C ARG B 109 8.88 15.47 -17.64
N PRO B 110 8.26 16.45 -16.95
CA PRO B 110 7.04 16.14 -16.19
C PRO B 110 5.86 15.75 -17.08
N GLU B 111 5.85 16.17 -18.34
CA GLU B 111 4.86 15.74 -19.31
C GLU B 111 5.52 15.67 -20.69
N GLY B 112 5.09 14.69 -21.48
CA GLY B 112 5.56 14.58 -22.85
C GLY B 112 7.05 14.45 -23.01
N GLY B 113 7.69 13.65 -22.16
CA GLY B 113 9.13 13.50 -22.17
C GLY B 113 9.59 12.07 -22.45
N ARG B 114 10.88 11.95 -22.74
CA ARG B 114 11.54 10.66 -22.73
C ARG B 114 11.55 10.09 -21.32
N TRP B 115 11.37 8.77 -21.21
CA TRP B 115 11.59 8.06 -19.96
C TRP B 115 12.65 7.00 -20.17
N LEU B 116 13.52 6.84 -19.19
CA LEU B 116 14.56 5.83 -19.19
C LEU B 116 14.23 4.74 -18.17
N ASN B 117 14.73 3.54 -18.43
CA ASN B 117 14.30 2.36 -17.66
C ASN B 117 15.50 1.71 -17.01
N TYR B 118 15.49 1.63 -15.68
CA TYR B 118 16.59 1.05 -14.93
C TYR B 118 16.12 -0.15 -14.11
N TRP B 119 17.02 -1.12 -13.95
CA TRP B 119 16.70 -2.40 -13.31
C TRP B 119 17.75 -2.81 -12.29
N GLY B 120 17.30 -3.46 -11.23
CA GLY B 120 18.19 -4.19 -10.35
C GLY B 120 18.53 -5.57 -10.89
N GLN B 121 19.36 -6.30 -10.14
CA GLN B 121 19.74 -7.66 -10.52
C GLN B 121 18.80 -8.73 -9.97
N GLY B 122 17.91 -8.38 -9.05
CA GLY B 122 16.86 -9.28 -8.64
C GLY B 122 17.18 -10.00 -7.34
N THR B 123 16.13 -10.52 -6.71
CA THR B 123 16.22 -11.32 -5.50
C THR B 123 15.23 -12.46 -5.64
N GLN B 124 15.64 -13.66 -5.23
CA GLN B 124 14.85 -14.86 -5.45
C GLN B 124 13.85 -15.07 -4.32
N VAL B 125 12.60 -15.36 -4.70
CA VAL B 125 11.57 -15.73 -3.73
C VAL B 125 11.08 -17.12 -4.14
N THR B 126 11.18 -18.08 -3.23
CA THR B 126 10.75 -19.45 -3.50
C THR B 126 9.75 -19.84 -2.44
N VAL B 127 8.55 -20.26 -2.88
CA VAL B 127 7.46 -20.59 -1.97
C VAL B 127 7.36 -22.11 -1.97
N SER B 128 7.73 -22.73 -0.85
CA SER B 128 7.77 -24.18 -0.81
C SER B 128 7.66 -24.66 0.62
N SER B 129 7.04 -25.83 0.80
CA SER B 129 6.79 -26.34 2.14
C SER B 129 8.06 -26.83 2.83
N ALA B 130 9.18 -26.93 2.11
CA ALA B 130 10.42 -27.25 2.77
C ALA B 130 11.06 -26.03 3.43
N ALA B 131 10.40 -24.89 3.39
CA ALA B 131 10.86 -23.69 4.08
C ALA B 131 10.77 -23.87 5.61
N GLY C 8 -19.53 7.36 6.63
CA GLY C 8 -19.02 6.03 6.94
C GLY C 8 -18.80 5.18 5.72
N ARG C 9 -18.47 3.90 5.93
CA ARG C 9 -18.28 2.94 4.86
C ARG C 9 -18.70 1.59 5.41
N PRO C 10 -19.34 0.72 4.62
CA PRO C 10 -19.65 -0.63 5.10
C PRO C 10 -18.40 -1.41 5.41
N LEU C 11 -18.44 -2.19 6.48
CA LEU C 11 -17.33 -3.03 6.87
C LEU C 11 -17.45 -4.37 6.15
N ARG C 12 -16.41 -4.73 5.39
CA ARG C 12 -16.42 -5.94 4.57
C ARG C 12 -15.05 -6.61 4.63
N ILE C 13 -15.04 -7.94 4.59
CA ILE C 13 -13.77 -8.65 4.67
C ILE C 13 -13.02 -8.69 3.35
N GLY C 14 -13.70 -8.53 2.23
CA GLY C 14 -13.01 -8.65 0.96
C GLY C 14 -12.69 -10.11 0.67
N ASP C 15 -11.74 -10.31 -0.24
CA ASP C 15 -11.31 -11.64 -0.66
C ASP C 15 -10.44 -12.34 0.40
N GLU C 25 -11.81 -22.03 14.09
CA GLU C 25 -11.97 -21.05 13.03
C GLU C 25 -11.90 -19.61 13.60
N THR C 26 -11.49 -18.67 12.76
CA THR C 26 -11.13 -17.32 13.20
C THR C 26 -12.34 -16.50 13.67
N TYR C 27 -13.56 -16.85 13.24
CA TYR C 27 -14.73 -16.06 13.61
C TYR C 27 -15.28 -16.39 14.99
N ILE C 28 -14.75 -17.42 15.63
CA ILE C 28 -15.20 -17.78 16.99
C ILE C 28 -14.80 -16.68 17.96
N PRO C 29 -15.73 -16.09 18.70
CA PRO C 29 -15.36 -15.05 19.66
C PRO C 29 -14.48 -15.59 20.78
N SER C 30 -13.62 -14.73 21.30
CA SER C 30 -12.79 -15.14 22.42
C SER C 30 -13.62 -15.22 23.69
N GLU C 31 -13.08 -15.92 24.69
CA GLU C 31 -13.72 -15.92 26.01
C GLU C 31 -13.86 -14.51 26.55
N GLN C 32 -12.91 -13.63 26.22
CA GLN C 32 -12.94 -12.27 26.69
C GLN C 32 -14.02 -11.45 25.97
N GLU C 33 -14.22 -11.70 24.68
CA GLU C 33 -15.28 -11.02 23.96
C GLU C 33 -16.64 -11.47 24.47
N ILE C 34 -16.79 -12.74 24.82
CA ILE C 34 -18.05 -13.20 25.38
C ILE C 34 -18.31 -12.57 26.74
N LEU C 35 -17.27 -12.44 27.58
CA LEU C 35 -17.42 -11.77 28.87
C LEU C 35 -17.95 -10.35 28.71
N GLU C 36 -17.36 -9.61 27.78
CA GLU C 36 -17.78 -8.22 27.59
C GLU C 36 -19.20 -8.15 27.05
N PHE C 37 -19.54 -9.00 26.07
CA PHE C 37 -20.92 -8.97 25.58
C PHE C 37 -21.90 -9.35 26.68
N ALA C 38 -21.52 -10.33 27.52
CA ALA C 38 -22.37 -10.71 28.65
C ALA C 38 -22.67 -9.52 29.54
N ARG C 39 -21.65 -8.71 29.87
CA ARG C 39 -21.89 -7.53 30.68
C ARG C 39 -22.83 -6.56 29.97
N GLU C 40 -22.66 -6.41 28.66
CA GLU C 40 -23.46 -5.45 27.90
C GLU C 40 -24.94 -5.83 27.92
N ILE C 41 -25.27 -7.12 28.01
CA ILE C 41 -26.66 -7.54 28.06
C ILE C 41 -27.11 -7.81 29.49
N GLY C 42 -26.34 -7.38 30.49
CA GLY C 42 -26.81 -7.35 31.86
C GLY C 42 -26.42 -8.51 32.74
N ILE C 43 -25.56 -9.39 32.27
CA ILE C 43 -25.10 -10.52 33.07
C ILE C 43 -23.92 -10.10 33.92
N ASP C 44 -23.93 -10.53 35.18
CA ASP C 44 -22.77 -10.46 36.05
C ASP C 44 -22.08 -11.83 35.99
N PRO C 45 -21.07 -12.00 35.13
CA PRO C 45 -20.61 -13.36 34.81
C PRO C 45 -20.07 -14.13 36.00
N ILE C 46 -19.33 -13.48 36.91
CA ILE C 46 -18.76 -14.17 38.06
C ILE C 46 -19.86 -14.77 38.92
N LYS C 47 -20.99 -14.06 39.06
CA LYS C 47 -22.09 -14.52 39.88
C LYS C 47 -23.09 -15.36 39.11
N GLU C 48 -23.19 -15.20 37.80
CA GLU C 48 -24.25 -15.83 37.01
C GLU C 48 -23.69 -16.62 35.83
N PRO C 49 -22.83 -17.62 36.08
CA PRO C 49 -22.32 -18.41 34.96
C PRO C 49 -23.42 -19.14 34.22
N GLU C 50 -24.54 -19.41 34.91
CA GLU C 50 -25.68 -20.09 34.30
C GLU C 50 -26.36 -19.26 33.22
N LEU C 51 -26.07 -17.95 33.12
CA LEU C 51 -26.66 -17.12 32.07
C LEU C 51 -25.76 -16.96 30.85
N MET C 52 -24.51 -17.42 30.93
CA MET C 52 -23.53 -17.03 29.93
C MET C 52 -23.84 -17.62 28.56
N TRP C 53 -24.61 -18.71 28.49
CA TRP C 53 -24.95 -19.26 27.19
C TRP C 53 -25.75 -18.28 26.34
N LEU C 54 -26.49 -17.36 26.97
CA LEU C 54 -27.20 -16.34 26.22
C LEU C 54 -26.22 -15.38 25.57
N ALA C 55 -25.11 -15.09 26.27
CA ALA C 55 -24.07 -14.24 25.69
C ALA C 55 -23.36 -14.94 24.53
N ARG C 56 -23.06 -16.24 24.68
CA ARG C 56 -22.42 -16.98 23.61
CA ARG C 56 -22.42 -16.98 23.61
C ARG C 56 -23.31 -17.04 22.38
N GLU C 57 -24.62 -17.19 22.58
CA GLU C 57 -25.56 -17.22 21.47
C GLU C 57 -25.75 -15.84 20.86
N GLY C 58 -25.98 -14.83 21.68
CA GLY C 58 -26.30 -13.52 21.16
C GLY C 58 -25.15 -12.84 20.45
N ILE C 59 -23.91 -13.12 20.84
CA ILE C 59 -22.80 -12.34 20.27
C ILE C 59 -22.62 -12.67 18.80
N VAL C 60 -23.00 -13.88 18.37
CA VAL C 60 -22.83 -14.28 16.98
C VAL C 60 -24.13 -14.16 16.19
N ALA C 61 -25.17 -13.58 16.77
CA ALA C 61 -26.44 -13.46 16.08
C ALA C 61 -26.28 -12.67 14.77
N PRO C 62 -27.00 -13.05 13.72
CA PRO C 62 -26.92 -12.30 12.47
C PRO C 62 -27.66 -10.97 12.58
N LEU C 63 -27.20 -10.01 11.79
CA LEU C 63 -27.95 -8.78 11.65
C LEU C 63 -29.26 -9.08 10.93
N PRO C 64 -30.39 -8.58 11.43
CA PRO C 64 -31.67 -8.82 10.74
C PRO C 64 -31.67 -8.16 9.38
N GLY C 65 -32.51 -8.71 8.49
CA GLY C 65 -32.82 -8.12 7.20
C GLY C 65 -31.69 -7.45 6.46
N GLU C 66 -31.79 -6.13 6.29
CA GLU C 66 -30.87 -5.37 5.46
C GLU C 66 -29.90 -4.52 6.29
N TRP C 67 -29.73 -4.86 7.57
CA TRP C 67 -28.74 -4.20 8.42
C TRP C 67 -27.34 -4.64 8.02
N LYS C 68 -26.42 -3.68 7.96
CA LYS C 68 -25.01 -3.94 7.66
C LYS C 68 -24.11 -3.25 8.66
N PRO C 69 -22.95 -3.85 8.99
CA PRO C 69 -21.99 -3.17 9.85
C PRO C 69 -21.22 -2.12 9.06
N CYS C 70 -21.04 -0.95 9.70
CA CYS C 70 -20.39 0.19 9.09
C CYS C 70 -19.40 0.82 10.07
N GLN C 71 -18.51 1.64 9.53
CA GLN C 71 -17.55 2.36 10.37
C GLN C 71 -17.45 3.79 9.89
N ASP C 72 -17.59 4.76 10.80
CA ASP C 72 -17.58 6.13 10.34
C ASP C 72 -16.14 6.63 10.25
N ILE C 73 -15.99 7.90 9.86
CA ILE C 73 -14.65 8.41 9.56
C ILE C 73 -13.82 8.60 10.81
N THR C 74 -14.44 8.62 11.98
CA THR C 74 -13.68 8.70 13.22
C THR C 74 -13.29 7.32 13.74
N GLY C 75 -13.70 6.26 13.04
CA GLY C 75 -13.41 4.89 13.44
C GLY C 75 -14.49 4.18 14.24
N ASP C 76 -15.62 4.83 14.52
CA ASP C 76 -16.65 4.20 15.34
C ASP C 76 -17.50 3.26 14.49
N ILE C 77 -17.76 2.08 15.05
CA ILE C 77 -18.55 1.06 14.38
C ILE C 77 -20.03 1.23 14.76
N TYR C 78 -20.90 1.12 13.76
CA TYR C 78 -22.33 1.23 13.98
C TYR C 78 -23.03 0.32 12.96
N TYR C 79 -24.36 0.25 13.06
CA TYR C 79 -25.15 -0.59 12.18
C TYR C 79 -26.14 0.26 11.41
N PHE C 80 -26.26 -0.01 10.11
CA PHE C 80 -27.06 0.80 9.20
C PHE C 80 -27.95 -0.10 8.36
N ASN C 81 -29.24 0.21 8.34
CA ASN C 81 -30.22 -0.55 7.57
C ASN C 81 -30.33 0.11 6.20
N PHE C 82 -29.71 -0.50 5.19
CA PHE C 82 -29.68 0.14 3.88
C PHE C 82 -31.06 0.21 3.24
N ALA C 83 -32.01 -0.61 3.69
CA ALA C 83 -33.34 -0.59 3.08
C ALA C 83 -34.13 0.64 3.50
N ASN C 84 -34.04 1.04 4.77
CA ASN C 84 -34.86 2.15 5.26
C ASN C 84 -34.08 3.30 5.87
N GLY C 85 -32.76 3.21 6.00
CA GLY C 85 -31.98 4.32 6.51
C GLY C 85 -31.88 4.41 8.02
N GLN C 86 -32.43 3.45 8.75
CA GLN C 86 -32.26 3.44 10.20
CA GLN C 86 -32.27 3.43 10.20
C GLN C 86 -30.82 3.14 10.57
N SER C 87 -30.36 3.74 11.67
CA SER C 87 -29.02 3.47 12.15
C SER C 87 -29.04 3.34 13.66
N MET C 88 -28.10 2.56 14.21
CA MET C 88 -28.00 2.39 15.65
C MET C 88 -26.59 1.91 16.02
N TRP C 89 -26.21 2.15 17.28
CA TRP C 89 -24.89 1.76 17.75
C TRP C 89 -24.79 0.26 18.04
N ASP C 90 -25.80 -0.29 18.71
CA ASP C 90 -25.78 -1.70 19.06
C ASP C 90 -26.30 -2.55 17.92
N HIS C 91 -25.92 -3.82 17.94
CA HIS C 91 -26.58 -4.83 17.11
C HIS C 91 -28.09 -4.77 17.35
N PRO C 92 -28.91 -4.79 16.30
CA PRO C 92 -30.37 -4.70 16.50
C PRO C 92 -30.96 -5.79 17.37
N CYS C 93 -30.31 -6.94 17.51
CA CYS C 93 -30.87 -8.01 18.33
C CYS C 93 -30.46 -7.94 19.80
N ASP C 94 -29.58 -6.99 20.16
CA ASP C 94 -29.08 -6.96 21.53
C ASP C 94 -30.19 -6.70 22.54
N GLU C 95 -31.19 -5.90 22.18
CA GLU C 95 -32.31 -5.66 23.09
C GLU C 95 -33.07 -6.96 23.36
N HIS C 96 -33.20 -7.82 22.35
CA HIS C 96 -33.86 -9.11 22.57
C HIS C 96 -33.07 -9.96 23.57
N TYR C 97 -31.73 -9.95 23.47
CA TYR C 97 -30.94 -10.74 24.41
C TYR C 97 -30.93 -10.14 25.81
N ARG C 98 -30.99 -8.81 25.92
CA ARG C 98 -31.20 -8.20 27.24
C ARG C 98 -32.48 -8.71 27.88
N SER C 99 -33.57 -8.75 27.11
CA SER C 99 -34.84 -9.24 27.63
C SER C 99 -34.75 -10.71 28.03
N LEU C 100 -34.08 -11.53 27.22
CA LEU C 100 -33.98 -12.95 27.56
C LEU C 100 -33.15 -13.17 28.83
N VAL C 101 -32.13 -12.33 29.07
CA VAL C 101 -31.34 -12.46 30.28
C VAL C 101 -32.21 -12.22 31.51
N ILE C 102 -33.06 -11.19 31.44
CA ILE C 102 -33.96 -10.89 32.56
C ILE C 102 -34.94 -12.03 32.78
N GLN C 103 -35.45 -12.61 31.69
CA GLN C 103 -36.40 -13.72 31.82
C GLN C 103 -35.71 -14.96 32.36
N GLU C 104 -34.52 -15.27 31.84
CA GLU C 104 -33.78 -16.44 32.32
C GLU C 104 -33.39 -16.29 33.78
N ARG C 105 -33.02 -15.08 34.22
CA ARG C 105 -32.70 -14.87 35.63
C ARG C 105 -33.92 -15.13 36.49
N ALA C 106 -35.09 -14.65 36.08
CA ALA C 106 -36.31 -14.86 36.87
C ALA C 106 -36.74 -16.32 36.83
N LYS C 107 -36.58 -16.98 35.69
CA LYS C 107 -36.96 -18.38 35.57
C LYS C 107 -36.16 -19.25 36.53
N LEU C 108 -34.86 -18.98 36.66
CA LEU C 108 -33.99 -19.79 37.49
C LEU C 108 -34.09 -19.44 38.97
N SER C 109 -34.72 -18.32 39.32
CA SER C 109 -34.86 -17.93 40.72
C SER C 109 -35.96 -18.73 41.41
N GLY D 8 0.14 -2.02 -22.26
CA GLY D 8 0.47 -1.42 -20.99
C GLY D 8 -0.36 -0.19 -20.67
N ARG D 9 0.28 0.82 -20.08
CA ARG D 9 -0.38 2.05 -19.68
C ARG D 9 0.55 3.22 -19.93
N PRO D 10 0.01 4.42 -20.15
CA PRO D 10 0.86 5.60 -20.27
C PRO D 10 1.59 5.90 -18.97
N LEU D 11 2.80 6.40 -19.10
CA LEU D 11 3.62 6.78 -17.95
C LEU D 11 3.27 8.21 -17.56
N ARG D 12 2.80 8.40 -16.32
CA ARG D 12 2.47 9.71 -15.78
C ARG D 12 3.13 9.88 -14.42
N ILE D 13 3.48 11.12 -14.08
CA ILE D 13 4.10 11.35 -12.77
C ILE D 13 3.07 11.40 -11.66
N GLY D 14 1.81 11.70 -11.97
CA GLY D 14 0.77 11.74 -10.96
C GLY D 14 0.47 13.16 -10.48
N ASP D 24 10.84 20.66 -12.39
CA ASP D 24 11.86 21.10 -11.46
C ASP D 24 13.25 20.63 -11.88
N GLU D 25 14.26 20.95 -11.06
CA GLU D 25 15.64 20.63 -11.41
C GLU D 25 15.93 19.13 -11.39
N THR D 26 15.09 18.33 -10.72
CA THR D 26 15.30 16.88 -10.71
C THR D 26 15.23 16.28 -12.10
N TYR D 27 14.51 16.93 -13.02
CA TYR D 27 14.33 16.34 -14.34
C TYR D 27 15.56 16.45 -15.22
N ILE D 28 16.50 17.36 -14.91
CA ILE D 28 17.62 17.57 -15.84
C ILE D 28 18.43 16.27 -15.97
N PRO D 29 18.99 15.99 -17.15
CA PRO D 29 19.70 14.71 -17.35
C PRO D 29 21.01 14.68 -16.58
N SER D 30 21.39 13.47 -16.17
CA SER D 30 22.69 13.26 -15.55
C SER D 30 23.78 13.16 -16.62
N GLU D 31 25.03 13.25 -16.16
CA GLU D 31 26.16 13.14 -17.08
C GLU D 31 26.15 11.79 -17.77
N GLN D 32 25.89 10.73 -17.01
CA GLN D 32 25.92 9.37 -17.59
C GLN D 32 24.78 9.18 -18.59
N GLU D 33 23.62 9.81 -18.33
CA GLU D 33 22.51 9.68 -19.27
C GLU D 33 22.82 10.38 -20.59
N ILE D 34 23.46 11.55 -20.54
CA ILE D 34 23.87 12.20 -21.78
C ILE D 34 24.91 11.36 -22.50
N LEU D 35 25.84 10.76 -21.76
CA LEU D 35 26.87 9.94 -22.38
C LEU D 35 26.26 8.75 -23.10
N GLU D 36 25.29 8.11 -22.45
CA GLU D 36 24.66 6.95 -23.04
C GLU D 36 23.80 7.33 -24.25
N PHE D 37 23.01 8.39 -24.13
CA PHE D 37 22.21 8.83 -25.27
C PHE D 37 23.10 9.24 -26.44
N ALA D 38 24.22 9.92 -26.15
CA ALA D 38 25.20 10.24 -27.19
C ALA D 38 25.58 9.00 -27.99
N ARG D 39 25.90 7.90 -27.29
CA ARG D 39 26.25 6.68 -28.00
C ARG D 39 25.09 6.16 -28.83
N GLU D 40 23.87 6.24 -28.29
CA GLU D 40 22.71 5.72 -28.99
C GLU D 40 22.48 6.44 -30.32
N ILE D 41 22.81 7.73 -30.39
CA ILE D 41 22.69 8.45 -31.65
C ILE D 41 23.98 8.46 -32.43
N GLY D 42 24.97 7.68 -32.02
CA GLY D 42 26.13 7.39 -32.84
C GLY D 42 27.39 8.17 -32.54
N ILE D 43 27.42 8.94 -31.46
CA ILE D 43 28.57 9.77 -31.11
C ILE D 43 29.57 8.96 -30.31
N ASP D 44 30.86 9.12 -30.63
CA ASP D 44 31.95 8.61 -29.81
C ASP D 44 32.38 9.73 -28.87
N PRO D 45 31.93 9.74 -27.60
CA PRO D 45 32.13 10.96 -26.79
C PRO D 45 33.58 11.32 -26.53
N ILE D 46 34.49 10.35 -26.49
CA ILE D 46 35.88 10.72 -26.25
C ILE D 46 36.50 11.32 -27.51
N LYS D 47 36.22 10.74 -28.67
CA LYS D 47 36.80 11.20 -29.92
C LYS D 47 36.05 12.42 -30.47
N GLU D 48 34.77 12.59 -30.14
CA GLU D 48 33.93 13.62 -30.75
C GLU D 48 33.22 14.46 -29.69
N PRO D 49 33.97 15.10 -28.78
CA PRO D 49 33.31 16.00 -27.82
C PRO D 49 32.55 17.13 -28.50
N GLU D 50 32.97 17.52 -29.70
CA GLU D 50 32.32 18.61 -30.42
C GLU D 50 30.94 18.23 -30.95
N LEU D 51 30.54 16.96 -30.82
CA LEU D 51 29.20 16.53 -31.21
C LEU D 51 28.27 16.35 -30.02
N MET D 52 28.77 16.45 -28.78
CA MET D 52 27.98 16.13 -27.59
C MET D 52 26.82 17.09 -27.36
N TRP D 53 26.85 18.30 -27.94
CA TRP D 53 25.71 19.19 -27.81
C TRP D 53 24.45 18.59 -28.41
N LEU D 54 24.59 17.72 -29.41
CA LEU D 54 23.41 17.07 -29.99
C LEU D 54 22.79 16.09 -29.00
N ALA D 55 23.61 15.47 -28.14
CA ALA D 55 23.08 14.53 -27.16
C ALA D 55 22.32 15.24 -26.05
N ARG D 56 22.83 16.38 -25.58
CA ARG D 56 22.07 17.12 -24.58
C ARG D 56 20.77 17.65 -25.17
N GLU D 57 20.81 18.18 -26.38
CA GLU D 57 19.60 18.70 -27.00
C GLU D 57 18.60 17.58 -27.26
N GLY D 58 19.08 16.43 -27.75
CA GLY D 58 18.18 15.36 -28.13
C GLY D 58 17.56 14.64 -26.94
N ILE D 59 18.31 14.49 -25.85
CA ILE D 59 17.80 13.68 -24.74
C ILE D 59 16.58 14.33 -24.10
N VAL D 60 16.54 15.66 -24.04
CA VAL D 60 15.43 16.38 -23.42
C VAL D 60 14.37 16.80 -24.43
N ALA D 61 14.50 16.37 -25.68
CA ALA D 61 13.55 16.78 -26.70
C ALA D 61 12.12 16.42 -26.28
N PRO D 62 11.18 17.34 -26.45
CA PRO D 62 9.79 17.02 -26.13
C PRO D 62 9.20 16.07 -27.15
N LEU D 63 8.24 15.29 -26.70
CA LEU D 63 7.52 14.39 -27.60
C LEU D 63 6.63 15.22 -28.52
N PRO D 64 6.75 15.08 -29.83
CA PRO D 64 5.90 15.87 -30.72
C PRO D 64 4.49 15.31 -30.79
N GLY D 65 3.57 16.17 -31.23
CA GLY D 65 2.20 15.78 -31.52
C GLY D 65 1.48 15.04 -30.42
N GLU D 66 1.01 13.82 -30.71
CA GLU D 66 0.24 13.02 -29.77
C GLU D 66 1.01 11.78 -29.31
N TRP D 67 2.34 11.81 -29.40
CA TRP D 67 3.16 10.74 -28.85
C TRP D 67 3.13 10.80 -27.33
N LYS D 68 2.99 9.63 -26.70
CA LYS D 68 2.99 9.54 -25.23
C LYS D 68 3.92 8.41 -24.78
N PRO D 69 4.63 8.61 -23.67
CA PRO D 69 5.47 7.53 -23.13
C PRO D 69 4.64 6.49 -22.42
N CYS D 70 4.99 5.21 -22.62
CA CYS D 70 4.21 4.09 -22.11
C CYS D 70 5.14 3.02 -21.57
N GLN D 71 4.58 2.10 -20.79
CA GLN D 71 5.35 0.98 -20.27
C GLN D 71 4.50 -0.27 -20.34
N ASP D 72 5.01 -1.33 -20.97
CA ASP D 72 4.20 -2.53 -21.13
C ASP D 72 4.29 -3.40 -19.88
N ILE D 73 3.52 -4.50 -19.87
CA ILE D 73 3.40 -5.32 -18.67
C ILE D 73 4.70 -6.05 -18.31
N THR D 74 5.65 -6.16 -19.23
CA THR D 74 6.95 -6.73 -18.87
C THR D 74 7.92 -5.68 -18.32
N GLY D 75 7.52 -4.41 -18.33
CA GLY D 75 8.37 -3.33 -17.83
C GLY D 75 9.08 -2.52 -18.89
N ASP D 76 8.90 -2.84 -20.16
CA ASP D 76 9.64 -2.13 -21.21
C ASP D 76 8.96 -0.81 -21.56
N ILE D 77 9.75 0.25 -21.66
CA ILE D 77 9.23 1.56 -22.04
C ILE D 77 9.18 1.68 -23.56
N TYR D 78 8.11 2.28 -24.06
CA TYR D 78 7.97 2.56 -25.49
C TYR D 78 7.17 3.83 -25.66
N TYR D 79 6.98 4.24 -26.91
CA TYR D 79 6.22 5.44 -27.23
C TYR D 79 5.08 5.08 -28.16
N PHE D 80 3.91 5.64 -27.88
CA PHE D 80 2.67 5.33 -28.59
C PHE D 80 2.10 6.62 -29.16
N ASN D 81 1.81 6.60 -30.46
CA ASN D 81 1.28 7.77 -31.14
C ASN D 81 -0.24 7.67 -31.17
N PHE D 82 -0.91 8.50 -30.37
CA PHE D 82 -2.37 8.46 -30.38
C PHE D 82 -2.97 9.03 -31.66
N ALA D 83 -2.15 9.60 -32.55
CA ALA D 83 -2.69 10.08 -33.82
C ALA D 83 -2.98 8.93 -34.77
N ASN D 84 -2.25 7.82 -34.67
CA ASN D 84 -2.41 6.77 -35.68
C ASN D 84 -2.20 5.36 -35.14
N GLY D 85 -2.11 5.16 -33.83
CA GLY D 85 -1.97 3.84 -33.26
C GLY D 85 -0.61 3.21 -33.38
N GLN D 86 0.39 3.93 -33.87
CA GLN D 86 1.71 3.35 -34.06
C GLN D 86 2.54 3.43 -32.78
N SER D 87 3.45 2.46 -32.64
CA SER D 87 4.32 2.35 -31.47
CA SER D 87 4.32 2.40 -31.48
C SER D 87 5.76 2.24 -31.94
N MET D 88 6.69 2.68 -31.09
CA MET D 88 8.10 2.54 -31.38
C MET D 88 8.88 2.57 -30.06
N TRP D 89 10.11 2.05 -30.11
CA TRP D 89 10.93 1.94 -28.90
C TRP D 89 11.64 3.25 -28.59
N ASP D 90 12.16 3.91 -29.61
CA ASP D 90 12.90 5.15 -29.42
C ASP D 90 11.95 6.34 -29.36
N HIS D 91 12.42 7.41 -28.74
CA HIS D 91 11.80 8.71 -28.89
C HIS D 91 11.63 9.00 -30.38
N PRO D 92 10.46 9.48 -30.82
CA PRO D 92 10.25 9.70 -32.27
C PRO D 92 11.25 10.64 -32.90
N CYS D 93 11.95 11.45 -32.12
CA CYS D 93 12.94 12.38 -32.67
C CYS D 93 14.34 11.80 -32.77
N ASP D 94 14.55 10.56 -32.29
CA ASP D 94 15.91 10.05 -32.21
C ASP D 94 16.49 9.76 -33.59
N GLU D 95 15.68 9.25 -34.51
CA GLU D 95 16.15 9.07 -35.88
C GLU D 95 16.64 10.37 -36.47
N HIS D 96 15.96 11.48 -36.16
CA HIS D 96 16.39 12.78 -36.64
C HIS D 96 17.75 13.17 -36.05
N TYR D 97 17.96 12.89 -34.76
CA TYR D 97 19.25 13.22 -34.15
C TYR D 97 20.36 12.28 -34.62
N ARG D 98 20.04 11.02 -34.95
CA ARG D 98 21.03 10.16 -35.59
C ARG D 98 21.48 10.73 -36.92
N SER D 99 20.54 11.26 -37.71
CA SER D 99 20.89 11.86 -38.99
C SER D 99 21.64 13.18 -38.80
N LEU D 100 21.32 13.93 -37.74
CA LEU D 100 22.06 15.16 -37.47
C LEU D 100 23.52 14.86 -37.12
N VAL D 101 23.73 13.81 -36.34
CA VAL D 101 25.09 13.41 -35.96
C VAL D 101 25.92 13.08 -37.19
N ILE D 102 25.35 12.33 -38.14
CA ILE D 102 26.10 11.99 -39.34
C ILE D 102 26.37 13.23 -40.18
N GLN D 103 25.38 14.11 -40.29
CA GLN D 103 25.54 15.35 -41.05
C GLN D 103 26.60 16.24 -40.43
N GLU D 104 26.56 16.42 -39.11
CA GLU D 104 27.54 17.27 -38.45
C GLU D 104 28.95 16.68 -38.53
N ARG D 105 29.06 15.36 -38.34
CA ARG D 105 30.37 14.71 -38.44
C ARG D 105 31.02 15.01 -39.78
N ALA D 106 30.24 14.94 -40.86
CA ALA D 106 30.79 15.19 -42.19
C ALA D 106 31.22 16.64 -42.37
N LYS D 107 30.58 17.57 -41.64
CA LYS D 107 30.93 18.98 -41.78
C LYS D 107 32.34 19.27 -41.28
N LEU D 108 32.83 18.48 -40.32
CA LEU D 108 34.15 18.72 -39.75
C LEU D 108 35.21 17.80 -40.35
S SO4 E . -2.26 0.69 -1.93
O1 SO4 E . -2.00 0.85 -0.51
O2 SO4 E . -2.93 -0.59 -2.11
O3 SO4 E . -1.01 0.69 -2.68
O4 SO4 E . -3.12 1.75 -2.46
#